data_9HT8
#
_entry.id   9HT8
#
_cell.length_a   84.64
_cell.length_b   84.64
_cell.length_c   90.166
_cell.angle_alpha   90
_cell.angle_beta   90
_cell.angle_gamma   90
#
_symmetry.space_group_name_H-M   'P 42 21 2'
#
loop_
_entity.id
_entity.type
_entity.pdbx_description
1 polymer 'Prolyl 4-hydroxylase subunit alpha-1'
2 polymer GLY-PRO-ALA-GLY-PRO-PRO
3 non-polymer GLYCINE
4 non-polymer 'MAGNESIUM ION'
5 non-polymer '3[N-MORPHOLINO]PROPANE SULFONIC ACID'
6 non-polymer (4S)-2-METHYL-2,4-PENTANEDIOL
7 water water
#
loop_
_entity_poly.entity_id
_entity_poly.type
_entity_poly.pdbx_seq_one_letter_code
_entity_poly.pdbx_strand_id
1 'polypeptide(L)'
;MSFLTAEDCFELGKVAYTEADYYHTELWMEQALRQLDEGEISTIDKVSVLDYLSYAVYQQGDLDKALLLTKKLLELDPEH
QRANGNLKYFEYIMAKELEHHHHHH
;
A,B
2 'polypeptide(L)' PPGPAGPPG E,F
#
# COMPACT_ATOMS: atom_id res chain seq x y z
N SER A 2 -26.62 -13.29 5.69
CA SER A 2 -25.59 -12.99 6.73
C SER A 2 -24.21 -13.09 6.08
N PHE A 3 -23.27 -12.22 6.49
CA PHE A 3 -21.98 -12.13 5.82
C PHE A 3 -20.94 -11.53 6.76
N LEU A 4 -19.66 -11.56 6.32
CA LEU A 4 -18.51 -11.10 7.09
C LEU A 4 -17.97 -9.76 6.58
N THR A 5 -17.92 -8.77 7.47
CA THR A 5 -17.28 -7.49 7.18
C THR A 5 -15.77 -7.66 7.24
N ALA A 6 -15.02 -6.60 6.91
CA ALA A 6 -13.57 -6.61 7.02
C ALA A 6 -13.11 -6.76 8.47
N GLU A 7 -13.92 -6.19 9.38
CA GLU A 7 -13.68 -6.26 10.81
C GLU A 7 -13.81 -7.72 11.26
N ASP A 8 -14.88 -8.38 10.84
CA ASP A 8 -15.11 -9.79 11.09
C ASP A 8 -13.93 -10.62 10.61
N CYS A 9 -13.47 -10.37 9.39
CA CYS A 9 -12.38 -11.11 8.81
C CYS A 9 -11.11 -10.94 9.62
N PHE A 10 -10.82 -9.72 10.05
CA PHE A 10 -9.68 -9.46 10.91
C PHE A 10 -9.81 -10.19 12.26
N GLU A 11 -10.98 -10.17 12.88
CA GLU A 11 -11.22 -10.86 14.15
C GLU A 11 -11.03 -12.37 13.99
N LEU A 12 -11.52 -12.94 12.89
CA LEU A 12 -11.33 -14.34 12.59
C LEU A 12 -9.85 -14.65 12.35
N GLY A 13 -9.14 -13.72 11.73
CA GLY A 13 -7.71 -13.87 11.56
C GLY A 13 -6.98 -13.93 12.89
N LYS A 14 -7.41 -13.14 13.87
CA LYS A 14 -6.83 -13.15 15.20
C LYS A 14 -7.14 -14.46 15.93
N VAL A 15 -8.32 -15.06 15.73
CA VAL A 15 -8.68 -16.37 16.26
C VAL A 15 -7.72 -17.40 15.67
N ALA A 16 -7.57 -17.39 14.33
CA ALA A 16 -6.62 -18.29 13.68
C ALA A 16 -5.21 -18.12 14.26
N TYR A 17 -4.76 -16.88 14.42
CA TYR A 17 -3.42 -16.63 14.89
C TYR A 17 -3.17 -17.18 16.31
N THR A 18 -4.17 -17.03 17.19
CA THR A 18 -4.04 -17.42 18.57
C THR A 18 -4.00 -18.95 18.65
N GLU A 19 -4.48 -19.66 17.63
CA GLU A 19 -4.40 -21.12 17.61
C GLU A 19 -3.23 -21.58 16.73
N ALA A 20 -2.35 -20.64 16.33
CA ALA A 20 -1.21 -20.96 15.48
C ALA A 20 -1.68 -21.65 14.20
N ASP A 21 -2.82 -21.18 13.63
CA ASP A 21 -3.23 -21.52 12.29
C ASP A 21 -2.75 -20.38 11.37
N TYR A 22 -1.48 -20.45 10.95
CA TYR A 22 -0.87 -19.31 10.28
C TYR A 22 -1.31 -19.18 8.82
N TYR A 23 -1.76 -20.27 8.21
CA TYR A 23 -2.31 -20.21 6.89
C TYR A 23 -3.68 -19.55 6.94
N HIS A 24 -4.55 -19.97 7.87
CA HIS A 24 -5.85 -19.35 8.02
C HIS A 24 -5.72 -17.88 8.43
N THR A 25 -4.74 -17.54 9.28
CA THR A 25 -4.43 -16.16 9.60
C THR A 25 -4.26 -15.35 8.31
N GLU A 26 -3.41 -15.84 7.40
CA GLU A 26 -3.13 -15.21 6.13
C GLU A 26 -4.40 -15.08 5.30
N LEU A 27 -5.18 -16.16 5.18
CA LEU A 27 -6.42 -16.11 4.40
C LEU A 27 -7.35 -15.03 4.92
N TRP A 28 -7.60 -14.97 6.24
CA TRP A 28 -8.54 -14.01 6.79
C TRP A 28 -7.98 -12.59 6.68
N MET A 29 -6.71 -12.38 7.03
CA MET A 29 -6.12 -11.05 7.03
C MET A 29 -6.10 -10.49 5.60
N GLU A 30 -5.74 -11.32 4.61
CA GLU A 30 -5.71 -10.89 3.21
C GLU A 30 -7.12 -10.60 2.71
N GLN A 31 -8.12 -11.37 3.17
CA GLN A 31 -9.51 -11.10 2.85
C GLN A 31 -9.93 -9.77 3.46
N ALA A 32 -9.42 -9.43 4.66
CA ALA A 32 -9.76 -8.15 5.27
C ALA A 32 -9.27 -7.01 4.37
N LEU A 33 -7.99 -7.09 3.96
CA LEU A 33 -7.37 -6.15 3.05
C LEU A 33 -8.07 -6.09 1.68
N ARG A 34 -8.56 -7.23 1.18
CA ARG A 34 -9.22 -7.24 -0.12
C ARG A 34 -10.57 -6.54 -0.03
N GLN A 35 -11.28 -6.70 1.09
CA GLN A 35 -12.54 -6.00 1.27
C GLN A 35 -12.33 -4.49 1.39
N LEU A 36 -11.25 -4.06 2.08
CA LEU A 36 -10.92 -2.65 2.14
C LEU A 36 -10.66 -2.10 0.74
N ASP A 37 -9.82 -2.80 -0.05
CA ASP A 37 -9.39 -2.38 -1.38
C ASP A 37 -10.57 -2.27 -2.35
N GLU A 38 -11.63 -3.06 -2.15
CA GLU A 38 -12.87 -2.95 -2.91
C GLU A 38 -13.74 -1.79 -2.41
N GLY A 39 -13.24 -0.94 -1.49
CA GLY A 39 -13.97 0.21 -0.99
C GLY A 39 -15.02 -0.15 0.06
N GLU A 40 -14.75 -1.16 0.90
CA GLU A 40 -15.58 -1.40 2.06
C GLU A 40 -15.24 -0.36 3.13
N ILE A 41 -16.27 0.29 3.69
CA ILE A 41 -16.05 1.23 4.78
C ILE A 41 -16.02 0.44 6.09
N SER A 42 -14.98 0.70 6.89
CA SER A 42 -14.55 -0.10 8.02
C SER A 42 -13.57 0.74 8.85
N THR A 43 -13.35 0.36 10.12
CA THR A 43 -12.57 1.14 11.08
C THR A 43 -11.29 0.42 11.52
N ILE A 44 -10.97 -0.74 10.92
CA ILE A 44 -9.77 -1.49 11.29
C ILE A 44 -8.53 -0.80 10.71
N ASP A 45 -7.36 -0.98 11.36
CA ASP A 45 -6.15 -0.37 10.82
C ASP A 45 -5.29 -1.43 10.14
N LYS A 46 -4.79 -1.05 8.95
CA LYS A 46 -3.98 -1.91 8.12
C LYS A 46 -2.69 -2.29 8.84
N VAL A 47 -2.18 -1.40 9.70
CA VAL A 47 -0.90 -1.63 10.37
C VAL A 47 -1.00 -2.89 11.22
N SER A 48 -2.10 -3.00 11.97
CA SER A 48 -2.34 -4.14 12.84
C SER A 48 -2.57 -5.41 12.00
N VAL A 49 -3.36 -5.30 10.93
CA VAL A 49 -3.54 -6.38 9.99
C VAL A 49 -2.19 -6.88 9.47
N LEU A 50 -1.29 -5.97 9.06
CA LEU A 50 -0.03 -6.40 8.46
C LEU A 50 0.92 -6.99 9.50
N ASP A 51 0.75 -6.58 10.75
CA ASP A 51 1.55 -7.08 11.87
C ASP A 51 1.31 -8.61 12.02
N TYR A 52 0.04 -9.03 12.09
CA TYR A 52 -0.35 -10.44 12.12
C TYR A 52 0.05 -11.16 10.83
N LEU A 53 -0.25 -10.51 9.70
CA LEU A 53 -0.05 -11.14 8.41
C LEU A 53 1.43 -11.42 8.15
N SER A 54 2.31 -10.46 8.47
CA SER A 54 3.74 -10.65 8.23
C SER A 54 4.30 -11.77 9.09
N TYR A 55 3.89 -11.82 10.36
CA TYR A 55 4.31 -12.91 11.23
C TYR A 55 3.80 -14.26 10.73
N ALA A 56 2.55 -14.30 10.26
CA ALA A 56 1.96 -15.56 9.83
C ALA A 56 2.69 -16.06 8.60
N VAL A 57 3.05 -15.14 7.71
CA VAL A 57 3.72 -15.51 6.47
C VAL A 57 5.14 -15.98 6.78
N TYR A 58 5.78 -15.36 7.77
CA TYR A 58 7.07 -15.82 8.24
C TYR A 58 6.98 -17.26 8.77
N GLN A 59 5.93 -17.56 9.54
CA GLN A 59 5.74 -18.91 10.08
C GLN A 59 5.66 -19.94 8.97
N GLN A 60 5.11 -19.54 7.82
CA GLN A 60 5.04 -20.44 6.70
C GLN A 60 6.37 -20.62 5.97
N GLY A 61 7.42 -19.91 6.38
CA GLY A 61 8.72 -19.99 5.69
C GLY A 61 8.78 -19.14 4.42
N ASP A 62 7.89 -18.15 4.26
CA ASP A 62 7.88 -17.30 3.07
C ASP A 62 8.59 -15.98 3.43
N LEU A 63 9.92 -16.02 3.50
CA LEU A 63 10.74 -14.95 4.07
C LEU A 63 10.66 -13.69 3.22
N ASP A 64 10.73 -13.86 1.90
CA ASP A 64 10.62 -12.74 0.98
C ASP A 64 9.30 -12.01 1.19
N LYS A 65 8.20 -12.77 1.21
CA LYS A 65 6.88 -12.17 1.32
C LYS A 65 6.74 -11.55 2.71
N ALA A 66 7.33 -12.19 3.74
CA ALA A 66 7.28 -11.62 5.08
C ALA A 66 7.99 -10.26 5.12
N LEU A 67 9.11 -10.17 4.40
CA LEU A 67 9.87 -8.94 4.32
C LEU A 67 9.06 -7.86 3.61
N LEU A 68 8.52 -8.20 2.42
CA LEU A 68 7.62 -7.32 1.72
C LEU A 68 6.61 -6.71 2.69
N LEU A 69 5.89 -7.55 3.42
CA LEU A 69 4.78 -7.11 4.26
C LEU A 69 5.26 -6.22 5.40
N THR A 70 6.43 -6.53 5.96
CA THR A 70 7.07 -5.73 6.99
C THR A 70 7.39 -4.34 6.44
N LYS A 71 7.89 -4.25 5.19
CA LYS A 71 8.15 -2.96 4.54
C LYS A 71 6.85 -2.19 4.27
N LYS A 72 5.77 -2.88 3.91
CA LYS A 72 4.51 -2.20 3.73
C LYS A 72 4.02 -1.66 5.08
N LEU A 73 4.24 -2.42 6.14
CA LEU A 73 3.82 -1.95 7.46
C LEU A 73 4.61 -0.67 7.80
N LEU A 74 5.93 -0.68 7.52
CA LEU A 74 6.81 0.38 7.95
C LEU A 74 6.62 1.64 7.10
N GLU A 75 6.00 1.51 5.91
CA GLU A 75 5.59 2.66 5.13
C GLU A 75 4.43 3.35 5.83
N LEU A 76 3.52 2.60 6.44
CA LEU A 76 2.33 3.18 7.05
C LEU A 76 2.64 3.65 8.47
N ASP A 77 3.48 2.90 9.22
CA ASP A 77 3.86 3.24 10.58
C ASP A 77 5.39 3.09 10.72
N PRO A 78 6.19 4.12 10.37
CA PRO A 78 7.64 4.02 10.48
C PRO A 78 8.16 3.84 11.90
N GLU A 79 7.36 4.21 12.91
CA GLU A 79 7.70 4.05 14.33
C GLU A 79 7.75 2.58 14.75
N HIS A 80 6.91 1.74 14.14
CA HIS A 80 6.47 0.48 14.72
C HIS A 80 7.66 -0.34 15.23
N GLN A 81 7.67 -0.61 16.54
CA GLN A 81 8.83 -1.15 17.23
C GLN A 81 9.14 -2.58 16.74
N ARG A 82 8.14 -3.45 16.73
CA ARG A 82 8.37 -4.85 16.39
C ARG A 82 8.68 -5.00 14.90
N ALA A 83 7.96 -4.27 14.04
CA ALA A 83 8.23 -4.34 12.61
C ALA A 83 9.67 -3.87 12.34
N ASN A 84 10.11 -2.84 13.07
CA ASN A 84 11.48 -2.38 12.92
C ASN A 84 12.47 -3.48 13.32
N GLY A 85 12.19 -4.17 14.43
CA GLY A 85 13.00 -5.31 14.84
C GLY A 85 12.93 -6.44 13.83
N ASN A 86 11.75 -6.69 13.26
CA ASN A 86 11.60 -7.74 12.25
C ASN A 86 12.43 -7.40 11.02
N LEU A 87 12.32 -6.14 10.57
CA LEU A 87 13.09 -5.69 9.42
C LEU A 87 14.58 -5.95 9.62
N LYS A 88 15.10 -5.57 10.80
CA LYS A 88 16.52 -5.74 11.10
C LYS A 88 16.89 -7.21 11.01
N TYR A 89 16.01 -8.08 11.53
CA TYR A 89 16.24 -9.51 11.47
C TYR A 89 16.36 -9.95 10.00
N PHE A 90 15.35 -9.62 9.18
CA PHE A 90 15.30 -10.07 7.79
C PHE A 90 16.49 -9.52 7.01
N GLU A 91 16.85 -8.26 7.25
CA GLU A 91 18.00 -7.66 6.59
C GLU A 91 19.29 -8.36 6.99
N TYR A 92 19.36 -8.77 8.27
CA TYR A 92 20.49 -9.53 8.78
C TYR A 92 20.61 -10.85 8.02
N ILE A 93 19.52 -11.63 7.96
CA ILE A 93 19.50 -12.90 7.25
C ILE A 93 19.93 -12.71 5.80
N MET A 94 19.35 -11.69 5.15
CA MET A 94 19.60 -11.41 3.74
C MET A 94 21.05 -10.96 3.55
N ALA A 95 21.57 -10.14 4.47
CA ALA A 95 22.99 -9.76 4.41
C ALA A 95 23.91 -10.97 4.56
N LYS A 96 23.46 -11.98 5.33
CA LYS A 96 24.21 -13.20 5.57
C LYS A 96 24.25 -14.02 4.30
N GLU A 97 23.10 -14.18 3.63
CA GLU A 97 23.01 -14.91 2.37
C GLU A 97 23.99 -14.37 1.35
N LEU A 98 24.03 -13.04 1.19
CA LEU A 98 24.85 -12.38 0.18
C LEU A 98 26.32 -12.42 0.60
N GLU A 99 26.59 -12.49 1.91
CA GLU A 99 27.95 -12.66 2.43
C GLU A 99 28.48 -14.04 2.04
N HIS A 100 27.59 -15.05 2.15
CA HIS A 100 27.90 -16.43 1.77
C HIS A 100 28.27 -16.54 0.29
N HIS A 101 27.44 -15.95 -0.60
CA HIS A 101 27.68 -15.99 -2.04
C HIS A 101 28.91 -15.19 -2.45
N HIS A 102 29.44 -14.33 -1.55
CA HIS A 102 30.67 -13.60 -1.80
C HIS A 102 31.89 -14.31 -1.21
N HIS A 103 31.75 -15.63 -0.91
CA HIS A 103 32.83 -16.40 -0.30
C HIS A 103 32.84 -17.82 -0.88
N SER B 2 14.17 -5.75 -24.59
CA SER B 2 14.20 -5.97 -23.12
C SER B 2 12.76 -6.04 -22.57
N PHE B 3 12.60 -6.04 -21.23
CA PHE B 3 11.32 -5.90 -20.54
C PHE B 3 11.27 -4.50 -19.93
N LEU B 4 10.16 -4.17 -19.25
CA LEU B 4 9.97 -2.85 -18.66
C LEU B 4 9.96 -2.97 -17.13
N THR B 5 10.92 -2.29 -16.50
CA THR B 5 11.01 -2.21 -15.05
C THR B 5 9.93 -1.28 -14.54
N ALA B 6 9.77 -1.25 -13.21
CA ALA B 6 8.81 -0.33 -12.59
C ALA B 6 9.17 1.13 -12.89
N GLU B 7 10.49 1.40 -12.96
CA GLU B 7 11.04 2.71 -13.25
C GLU B 7 10.66 3.10 -14.69
N ASP B 8 10.86 2.20 -15.65
CA ASP B 8 10.45 2.39 -17.04
C ASP B 8 8.96 2.73 -17.11
N CYS B 9 8.12 1.96 -16.39
CA CYS B 9 6.71 2.18 -16.43
C CYS B 9 6.34 3.54 -15.87
N PHE B 10 6.96 3.93 -14.76
CA PHE B 10 6.79 5.26 -14.21
C PHE B 10 7.18 6.36 -15.20
N GLU B 11 8.33 6.22 -15.86
CA GLU B 11 8.81 7.21 -16.81
C GLU B 11 7.83 7.32 -17.99
N LEU B 12 7.34 6.20 -18.48
CA LEU B 12 6.35 6.19 -19.54
C LEU B 12 5.05 6.84 -19.07
N GLY B 13 4.66 6.58 -17.81
CA GLY B 13 3.49 7.25 -17.27
C GLY B 13 3.64 8.77 -17.23
N LYS B 14 4.86 9.27 -16.94
CA LYS B 14 5.13 10.69 -16.93
C LYS B 14 5.02 11.30 -18.33
N VAL B 15 5.49 10.56 -19.34
CA VAL B 15 5.35 10.97 -20.72
C VAL B 15 3.86 11.04 -21.05
N ALA B 16 3.09 10.01 -20.70
CA ALA B 16 1.65 10.04 -20.91
C ALA B 16 1.01 11.27 -20.25
N TYR B 17 1.39 11.56 -19.03
CA TYR B 17 0.80 12.67 -18.29
C TYR B 17 1.10 14.02 -18.97
N THR B 18 2.31 14.20 -19.46
CA THR B 18 2.75 15.42 -20.08
C THR B 18 1.97 15.67 -21.35
N GLU B 19 1.41 14.61 -21.98
CA GLU B 19 0.62 14.75 -23.18
C GLU B 19 -0.86 14.69 -22.86
N ALA B 20 -1.21 14.72 -21.55
CA ALA B 20 -2.59 14.70 -21.12
C ALA B 20 -3.28 13.45 -21.64
N ASP B 21 -2.54 12.33 -21.63
CA ASP B 21 -3.08 11.01 -21.86
C ASP B 21 -3.33 10.38 -20.50
N TYR B 22 -4.44 10.75 -19.85
CA TYR B 22 -4.63 10.42 -18.44
C TYR B 22 -5.05 8.96 -18.24
N TYR B 23 -5.60 8.31 -19.28
CA TYR B 23 -5.85 6.88 -19.21
C TYR B 23 -4.54 6.12 -19.29
N HIS B 24 -3.66 6.47 -20.24
CA HIS B 24 -2.35 5.82 -20.33
C HIS B 24 -1.52 6.07 -19.09
N THR B 25 -1.61 7.27 -18.51
CA THR B 25 -0.95 7.58 -17.25
C THR B 25 -1.36 6.54 -16.19
N GLU B 26 -2.67 6.31 -16.03
CA GLU B 26 -3.19 5.33 -15.10
C GLU B 26 -2.65 3.93 -15.41
N LEU B 27 -2.71 3.50 -16.68
CA LEU B 27 -2.20 2.17 -17.04
C LEU B 27 -0.74 1.99 -16.65
N TRP B 28 0.14 2.95 -17.00
CA TRP B 28 1.57 2.81 -16.72
C TRP B 28 1.83 2.89 -15.23
N MET B 29 1.20 3.84 -14.53
CA MET B 29 1.46 4.05 -13.11
C MET B 29 0.98 2.83 -12.32
N GLU B 30 -0.21 2.30 -12.64
CA GLU B 30 -0.77 1.13 -11.98
C GLU B 30 0.10 -0.09 -12.22
N GLN B 31 0.69 -0.20 -13.42
CA GLN B 31 1.62 -1.28 -13.71
C GLN B 31 2.87 -1.12 -12.83
N ALA B 32 3.34 0.11 -12.69
CA ALA B 32 4.51 0.36 -11.87
C ALA B 32 4.21 -0.07 -10.43
N LEU B 33 3.03 0.32 -9.89
CA LEU B 33 2.58 -0.02 -8.56
C LEU B 33 2.43 -1.52 -8.39
N ARG B 34 1.93 -2.23 -9.42
CA ARG B 34 1.73 -3.66 -9.26
C ARG B 34 3.09 -4.34 -9.17
N GLN B 35 4.09 -3.85 -9.92
CA GLN B 35 5.42 -4.44 -9.85
C GLN B 35 6.04 -4.17 -8.48
N LEU B 36 5.85 -2.98 -7.91
CA LEU B 36 6.38 -2.69 -6.59
C LEU B 36 5.77 -3.61 -5.54
N ASP B 37 4.44 -3.74 -5.59
CA ASP B 37 3.65 -4.52 -4.65
C ASP B 37 4.01 -6.00 -4.69
N GLU B 38 4.50 -6.49 -5.83
CA GLU B 38 5.05 -7.83 -5.98
C GLU B 38 6.57 -7.87 -5.71
N GLY B 39 7.12 -6.82 -5.12
CA GLY B 39 8.45 -6.85 -4.54
C GLY B 39 9.57 -6.60 -5.55
N GLU B 40 9.34 -5.78 -6.57
CA GLU B 40 10.44 -5.34 -7.44
C GLU B 40 11.27 -4.29 -6.69
N ILE B 41 12.62 -4.55 -6.62
CA ILE B 41 13.54 -3.52 -6.12
C ILE B 41 13.59 -2.40 -7.15
N SER B 42 13.30 -1.16 -6.72
CA SER B 42 13.16 -0.02 -7.61
C SER B 42 13.59 1.24 -6.88
N THR B 43 14.09 2.24 -7.59
CA THR B 43 14.43 3.55 -7.04
C THR B 43 13.23 4.51 -7.04
N ILE B 44 12.10 4.17 -7.67
CA ILE B 44 10.97 5.09 -7.75
C ILE B 44 10.22 5.07 -6.43
N ASP B 45 9.56 6.17 -6.05
CA ASP B 45 8.84 6.21 -4.79
C ASP B 45 7.34 6.12 -5.08
N LYS B 46 6.62 5.34 -4.27
CA LYS B 46 5.18 5.15 -4.45
C LYS B 46 4.41 6.47 -4.35
N VAL B 47 4.91 7.41 -3.54
CA VAL B 47 4.21 8.66 -3.29
C VAL B 47 4.13 9.43 -4.61
N SER B 48 5.23 9.49 -5.34
CA SER B 48 5.30 10.17 -6.62
C SER B 48 4.40 9.45 -7.64
N VAL B 49 4.45 8.12 -7.68
CA VAL B 49 3.56 7.35 -8.53
C VAL B 49 2.10 7.70 -8.23
N LEU B 50 1.70 7.70 -6.96
CA LEU B 50 0.30 7.95 -6.61
C LEU B 50 -0.11 9.40 -6.87
N ASP B 51 0.86 10.31 -6.87
CA ASP B 51 0.63 11.73 -7.13
C ASP B 51 0.13 11.91 -8.57
N TYR B 52 0.84 11.33 -9.55
CA TYR B 52 0.41 11.30 -10.94
C TYR B 52 -0.90 10.51 -11.12
N LEU B 53 -0.99 9.37 -10.44
CA LEU B 53 -2.13 8.50 -10.64
C LEU B 53 -3.41 9.15 -10.13
N SER B 54 -3.36 9.77 -8.95
CA SER B 54 -4.54 10.41 -8.39
C SER B 54 -5.03 11.54 -9.29
N TYR B 55 -4.10 12.35 -9.81
CA TYR B 55 -4.47 13.42 -10.72
C TYR B 55 -5.06 12.86 -12.01
N ALA B 56 -4.44 11.80 -12.56
CA ALA B 56 -4.91 11.24 -13.82
C ALA B 56 -6.33 10.69 -13.66
N VAL B 57 -6.57 10.06 -12.51
CA VAL B 57 -7.86 9.44 -12.25
C VAL B 57 -8.92 10.53 -12.05
N TYR B 58 -8.53 11.64 -11.39
CA TYR B 58 -9.41 12.79 -11.28
C TYR B 58 -9.79 13.31 -12.66
N GLN B 59 -8.82 13.41 -13.58
CA GLN B 59 -9.10 13.89 -14.93
C GLN B 59 -10.14 13.02 -15.63
N GLN B 60 -10.14 11.73 -15.31
CA GLN B 60 -11.15 10.85 -15.89
C GLN B 60 -12.52 10.99 -15.25
N GLY B 61 -12.67 11.85 -14.22
CA GLY B 61 -13.94 12.07 -13.55
C GLY B 61 -14.26 10.97 -12.52
N ASP B 62 -13.24 10.24 -12.04
CA ASP B 62 -13.43 9.17 -11.06
C ASP B 62 -13.05 9.73 -9.68
N LEU B 63 -13.96 10.51 -9.09
CA LEU B 63 -13.63 11.31 -7.93
C LEU B 63 -13.44 10.43 -6.71
N ASP B 64 -14.28 9.40 -6.57
CA ASP B 64 -14.13 8.45 -5.47
C ASP B 64 -12.74 7.84 -5.50
N LYS B 65 -12.35 7.34 -6.70
CA LYS B 65 -11.08 6.64 -6.82
C LYS B 65 -9.95 7.65 -6.60
N ALA B 66 -10.12 8.89 -7.06
CA ALA B 66 -9.08 9.90 -6.89
C ALA B 66 -8.85 10.19 -5.41
N LEU B 67 -9.95 10.24 -4.66
CA LEU B 67 -9.88 10.46 -3.22
C LEU B 67 -9.20 9.27 -2.54
N LEU B 68 -9.65 8.04 -2.86
CA LEU B 68 -9.02 6.83 -2.36
C LEU B 68 -7.51 6.92 -2.53
N LEU B 69 -7.03 7.25 -3.75
CA LEU B 69 -5.61 7.28 -4.06
C LEU B 69 -4.88 8.36 -3.28
N THR B 70 -5.54 9.51 -3.11
CA THR B 70 -4.99 10.62 -2.35
C THR B 70 -4.84 10.21 -0.88
N LYS B 71 -5.82 9.48 -0.32
CA LYS B 71 -5.71 8.93 1.04
C LYS B 71 -4.59 7.89 1.14
N LYS B 72 -4.39 7.06 0.11
CA LYS B 72 -3.27 6.13 0.11
C LYS B 72 -1.95 6.90 0.10
N LEU B 73 -1.90 7.98 -0.67
CA LEU B 73 -0.69 8.79 -0.73
C LEU B 73 -0.42 9.38 0.66
N LEU B 74 -1.48 9.85 1.33
CA LEU B 74 -1.30 10.59 2.56
C LEU B 74 -1.02 9.65 3.74
N GLU B 75 -1.29 8.35 3.58
CA GLU B 75 -0.83 7.36 4.55
C GLU B 75 0.68 7.21 4.46
N LEU B 76 1.24 7.31 3.24
CA LEU B 76 2.67 7.12 3.05
C LEU B 76 3.43 8.43 3.32
N ASP B 77 2.85 9.58 2.94
CA ASP B 77 3.45 10.89 3.13
C ASP B 77 2.40 11.86 3.68
N PRO B 78 2.17 11.90 5.00
CA PRO B 78 1.17 12.81 5.56
C PRO B 78 1.50 14.29 5.37
N GLU B 79 2.78 14.62 5.14
CA GLU B 79 3.24 15.98 4.91
C GLU B 79 2.84 16.53 3.55
N HIS B 80 2.65 15.65 2.55
CA HIS B 80 2.69 16.01 1.13
C HIS B 80 1.76 17.20 0.86
N GLN B 81 2.35 18.29 0.37
CA GLN B 81 1.68 19.58 0.28
C GLN B 81 0.49 19.53 -0.69
N ARG B 82 0.74 19.05 -1.90
CA ARG B 82 -0.29 19.05 -2.94
C ARG B 82 -1.40 18.07 -2.60
N ALA B 83 -1.04 16.86 -2.13
CA ALA B 83 -2.03 15.86 -1.77
C ALA B 83 -2.92 16.38 -0.63
N ASN B 84 -2.31 17.11 0.32
CA ASN B 84 -3.10 17.73 1.37
C ASN B 84 -4.11 18.72 0.80
N GLY B 85 -3.66 19.56 -0.14
CA GLY B 85 -4.55 20.46 -0.86
C GLY B 85 -5.64 19.70 -1.62
N ASN B 86 -5.24 18.62 -2.30
CA ASN B 86 -6.18 17.84 -3.09
C ASN B 86 -7.21 17.18 -2.17
N LEU B 87 -6.76 16.59 -1.05
CA LEU B 87 -7.66 16.00 -0.07
C LEU B 87 -8.73 17.01 0.35
N LYS B 88 -8.29 18.23 0.71
CA LYS B 88 -9.23 19.24 1.16
C LYS B 88 -10.24 19.56 0.06
N TYR B 89 -9.78 19.61 -1.19
CA TYR B 89 -10.69 19.81 -2.31
C TYR B 89 -11.74 18.70 -2.36
N PHE B 90 -11.29 17.42 -2.35
CA PHE B 90 -12.20 16.28 -2.47
C PHE B 90 -13.17 16.23 -1.31
N GLU B 91 -12.67 16.49 -0.09
CA GLU B 91 -13.53 16.56 1.09
C GLU B 91 -14.54 17.70 0.98
N TYR B 92 -14.14 18.81 0.33
CA TYR B 92 -15.02 19.96 0.11
C TYR B 92 -16.18 19.53 -0.78
N ILE B 93 -15.85 18.89 -1.92
CA ILE B 93 -16.86 18.41 -2.86
C ILE B 93 -17.82 17.45 -2.15
N MET B 94 -17.24 16.51 -1.38
CA MET B 94 -17.98 15.49 -0.64
C MET B 94 -18.86 16.15 0.43
N ALA B 95 -18.32 17.16 1.13
CA ALA B 95 -19.04 17.80 2.21
C ALA B 95 -20.24 18.61 1.70
N LYS B 96 -20.08 19.27 0.54
CA LYS B 96 -21.15 20.06 -0.05
C LYS B 96 -22.28 19.13 -0.52
N GLU B 97 -21.90 18.00 -1.13
CA GLU B 97 -22.83 17.02 -1.65
C GLU B 97 -23.75 16.53 -0.53
N LEU B 98 -23.15 16.14 0.60
CA LEU B 98 -23.93 15.56 1.69
C LEU B 98 -24.69 16.65 2.46
N GLU B 99 -24.22 17.90 2.35
CA GLU B 99 -24.97 19.03 2.91
C GLU B 99 -26.28 19.26 2.16
N HIS B 100 -26.36 18.92 0.86
CA HIS B 100 -27.50 19.26 0.00
C HIS B 100 -28.84 19.02 0.72
N GLY C 3 15.33 -13.29 16.55
CA GLY C 3 14.21 -13.93 15.84
C GLY C 3 12.99 -13.00 15.76
N PRO C 4 12.16 -13.06 14.69
CA PRO C 4 10.97 -12.20 14.56
C PRO C 4 9.92 -12.35 15.65
N ALA C 5 9.22 -11.24 15.93
CA ALA C 5 8.25 -11.14 17.00
C ALA C 5 6.89 -10.68 16.45
N GLY C 6 5.86 -11.55 16.60
CA GLY C 6 4.50 -11.27 16.19
C GLY C 6 3.73 -10.57 17.31
N PRO C 7 2.44 -10.19 17.08
CA PRO C 7 1.63 -9.67 18.18
C PRO C 7 1.55 -10.66 19.34
N PRO C 8 1.48 -10.21 20.62
CA PRO C 8 1.66 -11.11 21.77
C PRO C 8 0.80 -12.38 21.72
N PRO D 1 -13.47 27.89 -5.33
CA PRO D 1 -12.52 26.86 -4.81
C PRO D 1 -11.67 26.28 -5.94
N PRO D 2 -10.64 27.01 -6.46
CA PRO D 2 -9.62 26.40 -7.31
C PRO D 2 -8.75 25.39 -6.56
N GLY D 3 -8.66 24.16 -7.11
CA GLY D 3 -8.03 23.04 -6.43
C GLY D 3 -7.14 22.20 -7.36
N PRO D 4 -7.50 20.92 -7.67
CA PRO D 4 -6.51 19.84 -7.83
C PRO D 4 -5.26 20.23 -8.60
N ALA D 5 -4.12 20.24 -7.90
CA ALA D 5 -2.80 20.39 -8.50
C ALA D 5 -2.13 19.01 -8.63
N GLY D 6 -1.65 18.72 -9.85
CA GLY D 6 -0.89 17.53 -10.19
C GLY D 6 0.59 17.89 -10.24
N PRO D 7 1.50 16.90 -10.43
CA PRO D 7 2.92 17.21 -10.55
C PRO D 7 3.25 18.21 -11.65
N PRO D 8 4.43 18.88 -11.60
CA PRO D 8 4.70 20.08 -12.40
C PRO D 8 4.56 19.87 -13.91
#